data_9D81
#
_entry.id   9D81
#
_cell.length_a   1.00
_cell.length_b   1.00
_cell.length_c   1.00
_cell.angle_alpha   90.00
_cell.angle_beta   90.00
_cell.angle_gamma   90.00
#
_symmetry.space_group_name_H-M   'P 1'
#
_entity_poly.entity_id   1
_entity_poly.type   'polypeptide(L)'
_entity_poly.pdbx_seq_one_letter_code
;MGMNSHIPFDADNDWTLDPYHCNRSNDPLVDKVIGNAYAVVRAVYCNLGNLKLLYDFLNTYGMVLGVKSEAELKKLNKLA
KYARVYGFADTGDRQVTDYLYVPDDTSGIRPDDQTATGSWIKVSTSGSGSGGTGGGSGSYIPYVYANGSALGGETSFKVP
AEALGVPFIIINGSVQYIGYGFSFNPANSTVTLSNPLVQGDEVIALTSAAPASPDNPNVSNWVQVNWLYNNGAAVGGEQV
ITVPYNFKDVPAVYKNGERYYKNLQTKSYVYDPSTRTVTMTELLAQGDRVIITLGGESASLEITDRTTQEVARANNVKDT
DVVLSSSTNVVITDKKVLYDVNAQKYWDLPNLPPNVYIVKVEGNKLIYNPGAVVIDLLEPANPLVIVEPVLSRLGAETGN
PMAGTFEKGATVDSAAKSVGSTMEGKLYRWEGALPKTVRAGDTPSSSGGIGSGKWVEITNATLRSQLASTGGAAMVKASD
GRTVEQWLVQSDSASFRAKNMAKLAWCDYQVHNRGSLKCCFLGDSMTAGFDRTSSDTIPAQDGDWATRASMNYPYRFASY
LPEQSGCSVYITMRAISGYTAKQAYEEALWQSNPNCDIVFIMYAINDSGGVAGATLDLYMEYMEKLIRRYIDWGCAVVVQ
RPSGGGQGAGNPAWLHWAKRMQMVARVYGCPVFDAHEVMLNRHYAAVQSDGTHYNSMGYAIHGEKLASMLMAGGLLDTYK
PVVNETTVWTGMMSDHIGWCDARGNIGTGRSDGAYTRDKVTGVLQAGKATICTFSFYLDAEAAHIYGKLDGLINTIYTNG
YWWNNGNKPYYQYAVDIDNSFGASLQRVNKSANNYEGMPGSRKFVGRLIGRGWHTITLFTNLQGEALKDAFVNSITVQPI
PIGLSTEQMWGQDEERRYRVVHTRRMPSPSGQGGTLPVAVALTGFQMRAPQSFLGTGPGTNAVPAPYFYNTVPGKLKVYN
EKGDYIEWLVYKDGSSGLKWKGKVLTHSFADVASVPTLTAYMGTAKQNVIVAAGSSGANQPLENIYDYNAGLQEQTGNPS
TDLSWKGGIYLVFTLAWPSTAPTGYWTIELEGSDWFGNSESAVGCF
;
_entity_poly.pdbx_strand_id   A
#
# COMPACT_ATOMS: atom_id res chain seq x y z
N THR A 462 7.77 18.04 62.70
CA THR A 462 8.92 18.64 61.99
C THR A 462 8.49 19.09 60.61
N LEU A 463 8.87 20.30 60.21
CA LEU A 463 8.56 20.77 58.84
C LEU A 463 9.19 19.79 57.85
N ARG A 464 10.38 19.27 58.18
CA ARG A 464 11.02 18.26 57.31
C ARG A 464 10.02 17.11 57.08
N SER A 465 9.57 16.44 58.14
CA SER A 465 8.58 15.39 57.90
C SER A 465 7.41 15.91 57.08
N GLN A 466 6.96 17.14 57.35
CA GLN A 466 5.87 17.72 56.58
C GLN A 466 6.24 17.90 55.12
N LEU A 467 7.47 18.36 54.85
CA LEU A 467 7.93 18.45 53.46
C LEU A 467 8.04 17.08 52.82
N ALA A 468 8.53 16.09 53.57
CA ALA A 468 8.60 14.73 53.04
C ALA A 468 7.24 14.05 52.99
N SER A 469 6.22 14.67 53.56
CA SER A 469 4.89 14.10 53.56
C SER A 469 4.22 14.28 52.19
N THR A 470 3.01 13.75 52.07
CA THR A 470 2.25 13.83 50.82
C THR A 470 1.97 15.28 50.45
N GLY A 471 1.61 16.09 51.43
CA GLY A 471 1.31 17.49 51.20
C GLY A 471 2.51 18.41 51.20
N GLY A 472 3.72 17.87 51.14
CA GLY A 472 4.91 18.71 51.17
C GLY A 472 5.01 19.68 50.01
N ALA A 473 4.68 19.22 48.81
CA ALA A 473 4.74 20.10 47.64
C ALA A 473 3.74 21.23 47.71
N ALA A 474 2.61 21.03 48.40
CA ALA A 474 1.61 22.09 48.52
C ALA A 474 2.04 23.19 49.47
N MET A 475 2.99 22.92 50.37
CA MET A 475 3.44 23.94 51.30
C MET A 475 4.51 24.85 50.70
N VAL A 476 5.00 24.55 49.51
CA VAL A 476 5.98 25.38 48.84
C VAL A 476 5.29 26.06 47.66
N LYS A 477 5.36 27.39 47.62
CA LYS A 477 4.70 28.17 46.58
C LYS A 477 5.74 28.77 45.64
N ALA A 478 5.34 28.97 44.39
CA ALA A 478 6.22 29.56 43.39
C ALA A 478 6.04 31.07 43.32
N SER A 479 6.79 31.70 42.41
CA SER A 479 6.80 33.15 42.31
C SER A 479 5.48 33.74 41.84
N ASP A 480 4.64 32.95 41.18
CA ASP A 480 3.35 33.43 40.71
C ASP A 480 2.25 33.31 41.75
N GLY A 481 2.59 32.86 42.96
CA GLY A 481 1.62 32.65 44.01
C GLY A 481 1.05 31.25 44.08
N ARG A 482 1.20 30.46 43.03
CA ARG A 482 0.73 29.09 43.05
C ARG A 482 1.73 28.19 43.75
N THR A 483 1.22 27.08 44.29
CA THR A 483 2.07 26.13 44.98
C THR A 483 2.90 25.33 43.97
N VAL A 484 3.98 24.73 44.46
CA VAL A 484 4.79 23.85 43.63
C VAL A 484 3.97 22.66 43.16
N GLU A 485 3.08 22.15 44.00
CA GLU A 485 2.25 21.01 43.61
C GLU A 485 1.36 21.35 42.42
N GLN A 486 0.75 22.54 42.41
CA GLN A 486 -0.10 22.92 41.28
C GLN A 486 0.73 23.08 40.01
N TRP A 487 1.93 23.65 40.11
CA TRP A 487 2.82 23.76 38.97
C TRP A 487 3.16 22.37 38.41
N LEU A 488 3.45 21.42 39.31
CA LEU A 488 3.77 20.07 38.86
C LEU A 488 2.57 19.41 38.22
N VAL A 489 1.37 19.61 38.78
CA VAL A 489 0.17 18.96 38.25
C VAL A 489 -0.19 19.53 36.89
N GLN A 490 -0.02 20.83 36.67
CA GLN A 490 -0.37 21.39 35.37
C GLN A 490 0.64 21.02 34.29
N SER A 491 1.91 20.83 34.66
CA SER A 491 2.98 20.67 33.70
C SER A 491 3.45 19.23 33.55
N ASP A 492 2.67 18.27 34.05
CA ASP A 492 3.05 16.87 33.96
C ASP A 492 2.73 16.26 32.62
N SER A 493 2.07 17.00 31.73
CA SER A 493 1.77 16.50 30.40
C SER A 493 3.04 16.19 29.62
N ALA A 494 4.14 16.88 29.91
CA ALA A 494 5.40 16.58 29.25
C ALA A 494 5.89 15.18 29.58
N SER A 495 5.81 14.78 30.85
CA SER A 495 6.24 13.44 31.22
C SER A 495 5.39 12.38 30.55
N PHE A 496 4.07 12.58 30.54
CA PHE A 496 3.18 11.64 29.87
C PHE A 496 3.47 11.56 28.38
N ARG A 497 3.68 12.71 27.73
CA ARG A 497 4.00 12.74 26.30
C ARG A 497 5.32 12.02 26.02
N ALA A 498 6.36 12.29 26.81
CA ALA A 498 7.64 11.66 26.59
C ALA A 498 7.57 10.15 26.79
N LYS A 499 6.94 9.72 27.88
CA LYS A 499 6.76 8.28 28.11
C LYS A 499 5.96 7.66 26.99
N ASN A 500 4.91 8.35 26.53
CA ASN A 500 4.05 7.80 25.49
C ASN A 500 4.81 7.57 24.21
N MET A 501 5.57 8.58 23.74
CA MET A 501 6.29 8.36 22.49
C MET A 501 7.49 7.44 22.66
N ALA A 502 8.09 7.39 23.85
CA ALA A 502 9.14 6.40 24.06
C ALA A 502 8.58 4.99 23.91
N LYS A 503 7.43 4.73 24.54
CA LYS A 503 6.82 3.41 24.44
C LYS A 503 6.31 3.17 23.02
N LEU A 504 5.85 4.22 22.34
CA LEU A 504 5.38 4.06 20.96
C LEU A 504 6.54 3.71 20.03
N ALA A 505 7.69 4.34 20.23
CA ALA A 505 8.87 3.98 19.45
C ALA A 505 9.30 2.56 19.74
N TRP A 506 9.24 2.14 21.01
CA TRP A 506 9.54 0.76 21.35
C TRP A 506 8.57 -0.20 20.67
N CYS A 507 7.28 0.14 20.68
CA CYS A 507 6.27 -0.71 20.05
C CYS A 507 6.47 -0.79 18.55
N ASP A 508 6.81 0.33 17.91
CA ASP A 508 7.12 0.33 16.49
C ASP A 508 8.32 -0.54 16.18
N TYR A 509 9.37 -0.45 17.00
CA TYR A 509 10.52 -1.31 16.81
C TYR A 509 10.13 -2.78 16.93
N GLN A 510 9.30 -3.11 17.91
CA GLN A 510 8.86 -4.50 18.06
C GLN A 510 8.02 -4.95 16.88
N VAL A 511 7.18 -4.08 16.35
CA VAL A 511 6.38 -4.42 15.18
C VAL A 511 7.29 -4.73 13.99
N HIS A 512 8.30 -3.89 13.76
CA HIS A 512 9.12 -4.00 12.56
C HIS A 512 10.32 -4.93 12.73
N ASN A 513 10.50 -5.55 13.89
CA ASN A 513 11.64 -6.42 14.14
C ASN A 513 11.22 -7.77 14.71
N ARG A 514 10.03 -8.23 14.33
CA ARG A 514 9.52 -9.55 14.75
C ARG A 514 9.52 -9.66 16.28
N GLY A 515 9.14 -8.58 16.95
CA GLY A 515 9.15 -8.53 18.39
C GLY A 515 7.90 -9.13 19.01
N SER A 516 7.61 -8.69 20.22
CA SER A 516 6.42 -9.09 20.94
C SER A 516 5.73 -7.85 21.51
N LEU A 517 4.41 -7.76 21.30
CA LEU A 517 3.61 -6.69 21.86
C LEU A 517 2.54 -7.27 22.77
N LYS A 518 2.49 -6.77 24.00
CA LYS A 518 1.38 -7.04 24.90
C LYS A 518 0.40 -5.89 24.74
N CYS A 519 -0.77 -6.19 24.18
CA CYS A 519 -1.74 -5.17 23.80
C CYS A 519 -2.96 -5.24 24.70
N CYS A 520 -3.27 -4.11 25.32
CA CYS A 520 -4.50 -3.96 26.09
C CYS A 520 -5.52 -3.22 25.24
N PHE A 521 -6.72 -3.80 25.13
CA PHE A 521 -7.72 -3.30 24.20
C PHE A 521 -8.85 -2.63 24.95
N LEU A 522 -9.08 -1.37 24.62
CA LEU A 522 -10.11 -0.54 25.22
C LEU A 522 -10.80 0.18 24.07
N GLY A 523 -12.05 0.56 24.25
CA GLY A 523 -13.00 0.48 25.34
C GLY A 523 -14.24 -0.37 25.14
N ASP A 524 -15.32 0.29 24.73
CA ASP A 524 -16.68 -0.22 24.86
C ASP A 524 -17.05 -1.32 23.88
N SER A 525 -18.35 -1.55 23.75
CA SER A 525 -18.91 -2.64 22.95
C SER A 525 -18.24 -2.83 21.61
N MET A 526 -17.80 -1.75 20.96
CA MET A 526 -17.20 -1.92 19.65
C MET A 526 -15.81 -2.54 19.75
N THR A 527 -15.06 -2.20 20.79
CA THR A 527 -13.83 -2.93 21.09
C THR A 527 -14.11 -4.34 21.57
N ALA A 528 -15.20 -4.54 22.31
CA ALA A 528 -15.56 -5.85 22.82
C ALA A 528 -16.06 -6.79 21.74
N GLY A 529 -16.28 -6.30 20.52
CA GLY A 529 -16.87 -7.12 19.48
C GLY A 529 -18.34 -7.40 19.68
N PHE A 530 -19.11 -6.39 20.10
CA PHE A 530 -20.54 -6.53 20.30
C PHE A 530 -21.22 -7.04 19.05
N ASP A 531 -22.00 -8.12 19.17
CA ASP A 531 -22.80 -8.66 18.09
C ASP A 531 -23.93 -9.47 18.71
N ARG A 532 -25.12 -8.86 18.77
CA ARG A 532 -26.30 -9.55 19.28
C ARG A 532 -27.38 -9.69 18.23
N THR A 533 -27.05 -9.51 16.95
CA THR A 533 -28.02 -9.59 15.86
C THR A 533 -27.75 -10.74 14.89
N SER A 534 -26.51 -10.91 14.47
CA SER A 534 -26.18 -11.89 13.45
C SER A 534 -26.10 -13.30 14.04
N SER A 535 -26.07 -14.29 13.16
CA SER A 535 -25.86 -15.67 13.57
C SER A 535 -24.39 -16.05 13.61
N ASP A 536 -23.50 -15.10 13.32
CA ASP A 536 -22.06 -15.31 13.38
C ASP A 536 -21.48 -14.93 14.73
N THR A 537 -22.25 -15.14 15.79
CA THR A 537 -21.86 -14.73 17.12
C THR A 537 -21.32 -15.90 17.92
N ILE A 538 -20.47 -15.57 18.91
CA ILE A 538 -19.95 -16.55 19.85
C ILE A 538 -20.24 -16.02 21.25
N PRO A 539 -20.33 -16.89 22.26
CA PRO A 539 -20.70 -16.42 23.60
C PRO A 539 -19.75 -15.35 24.11
N ALA A 540 -20.24 -14.61 25.11
CA ALA A 540 -19.48 -13.50 25.67
C ALA A 540 -18.21 -13.99 26.35
N GLN A 541 -17.07 -13.48 25.92
CA GLN A 541 -15.80 -13.78 26.58
C GLN A 541 -15.17 -12.52 27.15
N ASP A 542 -14.05 -12.69 27.84
CA ASP A 542 -13.14 -11.60 28.16
C ASP A 542 -13.81 -10.50 28.97
N GLY A 543 -14.59 -10.88 29.97
CA GLY A 543 -15.20 -9.91 30.86
C GLY A 543 -16.33 -9.12 30.26
N ASP A 544 -16.83 -9.50 29.09
CA ASP A 544 -17.96 -8.83 28.49
C ASP A 544 -19.23 -9.59 28.85
N TRP A 545 -20.39 -8.98 28.60
CA TRP A 545 -21.67 -9.53 28.98
C TRP A 545 -22.50 -9.86 27.75
N ALA A 546 -22.16 -9.23 26.62
CA ALA A 546 -22.93 -9.34 25.40
C ALA A 546 -22.31 -10.37 24.47
N THR A 547 -23.15 -11.02 23.68
CA THR A 547 -22.67 -11.99 22.70
C THR A 547 -21.70 -11.31 21.75
N ARG A 548 -20.55 -11.94 21.56
CA ARG A 548 -19.49 -11.39 20.71
C ARG A 548 -19.59 -11.97 19.32
N ALA A 549 -19.18 -11.17 18.34
CA ALA A 549 -19.03 -11.68 16.99
C ALA A 549 -17.96 -12.77 16.98
N SER A 550 -18.03 -13.64 15.98
CA SER A 550 -17.08 -14.74 15.91
C SER A 550 -15.64 -14.27 15.83
N MET A 551 -15.41 -13.02 15.41
CA MET A 551 -14.08 -12.43 15.40
C MET A 551 -14.20 -10.94 15.62
N ASN A 552 -13.73 -10.46 16.77
CA ASN A 552 -13.73 -9.03 17.05
C ASN A 552 -12.44 -8.41 16.51
N TYR A 553 -12.28 -7.11 16.73
CA TYR A 553 -11.09 -6.48 16.16
C TYR A 553 -9.83 -6.75 16.96
N PRO A 554 -9.86 -6.83 18.31
CA PRO A 554 -8.61 -7.18 19.00
C PRO A 554 -8.07 -8.55 18.62
N TYR A 555 -8.94 -9.54 18.45
CA TYR A 555 -8.46 -10.87 18.11
C TYR A 555 -8.01 -10.95 16.66
N ARG A 556 -8.70 -10.26 15.75
CA ARG A 556 -8.21 -10.20 14.37
C ARG A 556 -6.89 -9.47 14.31
N PHE A 557 -6.72 -8.42 15.12
CA PHE A 557 -5.45 -7.73 15.20
C PHE A 557 -4.35 -8.65 15.70
N ALA A 558 -4.64 -9.46 16.71
CA ALA A 558 -3.63 -10.34 17.27
C ALA A 558 -3.36 -11.55 16.38
N SER A 559 -4.27 -11.83 15.45
CA SER A 559 -4.00 -12.89 14.49
C SER A 559 -3.35 -12.34 13.22
N TYR A 560 -3.49 -11.03 13.01
CA TYR A 560 -3.04 -10.42 11.76
C TYR A 560 -1.65 -9.82 11.90
N LEU A 561 -1.42 -9.06 12.96
CA LEU A 561 -0.11 -8.43 13.14
C LEU A 561 1.03 -9.43 13.21
N PRO A 562 0.98 -10.53 13.98
CA PRO A 562 2.06 -11.51 13.89
C PRO A 562 2.14 -12.19 12.55
N GLU A 563 1.01 -12.40 11.88
CA GLU A 563 1.03 -13.07 10.58
C GLU A 563 1.76 -12.22 9.55
N GLN A 564 1.55 -10.91 9.57
CA GLN A 564 2.09 -10.03 8.55
C GLN A 564 3.44 -9.44 8.91
N SER A 565 3.72 -9.24 10.20
CA SER A 565 4.96 -8.61 10.63
C SER A 565 5.84 -9.51 11.47
N GLY A 566 5.33 -10.62 11.97
CA GLY A 566 6.09 -11.46 12.86
C GLY A 566 6.10 -11.00 14.30
N CYS A 567 5.45 -9.87 14.60
CA CYS A 567 5.40 -9.35 15.95
C CYS A 567 4.29 -10.06 16.73
N SER A 568 4.68 -10.89 17.70
CA SER A 568 3.72 -11.60 18.52
C SER A 568 2.85 -10.62 19.29
N VAL A 569 1.56 -10.88 19.32
CA VAL A 569 0.59 -10.00 19.98
C VAL A 569 -0.10 -10.78 21.09
N TYR A 570 -0.13 -10.21 22.28
CA TYR A 570 -0.83 -10.79 23.42
C TYR A 570 -1.98 -9.86 23.80
N ILE A 571 -3.17 -10.43 23.93
CA ILE A 571 -4.38 -9.65 24.13
C ILE A 571 -4.67 -9.53 25.62
N THR A 572 -4.93 -8.31 26.07
CA THR A 572 -5.56 -8.05 27.34
C THR A 572 -6.87 -7.32 27.07
N MET A 573 -7.98 -8.04 27.12
CA MET A 573 -9.28 -7.50 26.74
C MET A 573 -9.83 -6.70 27.92
N ARG A 574 -9.82 -5.39 27.79
CA ARG A 574 -10.41 -4.47 28.77
C ARG A 574 -11.65 -3.82 28.19
N ALA A 575 -12.48 -4.63 27.53
CA ALA A 575 -13.64 -4.14 26.80
C ALA A 575 -14.91 -4.75 27.39
N ILE A 576 -15.86 -3.89 27.74
CA ILE A 576 -17.20 -4.31 28.17
C ILE A 576 -18.22 -3.52 27.36
N SER A 577 -19.26 -4.22 26.90
CA SER A 577 -20.28 -3.59 26.09
C SER A 577 -21.06 -2.57 26.91
N GLY A 578 -21.36 -1.43 26.30
CA GLY A 578 -22.09 -0.37 26.96
C GLY A 578 -21.31 0.44 27.96
N TYR A 579 -19.98 0.36 27.93
CA TYR A 579 -19.14 1.04 28.92
C TYR A 579 -18.74 2.41 28.42
N THR A 580 -18.50 3.31 29.37
CA THR A 580 -18.06 4.66 29.07
C THR A 580 -16.63 4.86 29.55
N ALA A 581 -16.06 6.03 29.23
CA ALA A 581 -14.72 6.34 29.72
C ALA A 581 -14.68 6.44 31.24
N LYS A 582 -15.70 7.06 31.84
CA LYS A 582 -15.80 7.12 33.29
C LYS A 582 -15.90 5.73 33.89
N GLN A 583 -16.71 4.86 33.27
CA GLN A 583 -16.85 3.50 33.76
C GLN A 583 -15.54 2.73 33.65
N ALA A 584 -14.81 2.92 32.56
CA ALA A 584 -13.52 2.25 32.40
C ALA A 584 -12.51 2.73 33.42
N TYR A 585 -12.45 4.03 33.66
CA TYR A 585 -11.52 4.56 34.66
C TYR A 585 -11.86 4.05 36.06
N GLU A 586 -13.14 3.81 36.33
CA GLU A 586 -13.59 3.38 37.64
C GLU A 586 -13.90 1.88 37.70
N GLU A 587 -13.60 1.13 36.63
CA GLU A 587 -13.84 -0.30 36.65
C GLU A 587 -12.89 -0.99 37.60
N ALA A 588 -13.45 -1.81 38.48
CA ALA A 588 -12.65 -2.46 39.53
C ALA A 588 -11.60 -3.40 38.94
N LEU A 589 -11.98 -4.18 37.91
CA LEU A 589 -11.05 -5.16 37.35
C LEU A 589 -9.88 -4.51 36.65
N TRP A 590 -10.04 -3.28 36.17
CA TRP A 590 -9.01 -2.61 35.38
C TRP A 590 -8.20 -1.61 36.20
N GLN A 591 -8.36 -1.59 37.52
CA GLN A 591 -7.58 -0.69 38.36
C GLN A 591 -6.13 -1.11 38.50
N SER A 592 -5.81 -2.37 38.21
CA SER A 592 -4.45 -2.85 38.31
C SER A 592 -3.70 -2.62 37.00
N ASN A 593 -2.39 -2.47 37.11
CA ASN A 593 -1.56 -2.31 35.92
C ASN A 593 -1.49 -3.63 35.18
N PRO A 594 -1.94 -3.71 33.93
CA PRO A 594 -1.86 -4.96 33.18
C PRO A 594 -0.47 -5.31 32.68
N ASN A 595 0.49 -4.39 32.82
CA ASN A 595 1.87 -4.62 32.41
C ASN A 595 1.96 -4.99 30.94
N CYS A 596 1.13 -4.36 30.12
CA CYS A 596 1.18 -4.57 28.68
C CYS A 596 1.99 -3.44 28.05
N ASP A 597 2.27 -3.58 26.75
CA ASP A 597 3.14 -2.65 26.05
C ASP A 597 2.40 -1.50 25.40
N ILE A 598 1.25 -1.78 24.77
CA ILE A 598 0.49 -0.77 24.04
C ILE A 598 -0.98 -0.94 24.38
N VAL A 599 -1.69 0.17 24.50
CA VAL A 599 -3.12 0.16 24.76
C VAL A 599 -3.83 0.93 23.66
N PHE A 600 -4.87 0.32 23.10
CA PHE A 600 -5.72 0.95 22.10
C PHE A 600 -7.01 1.34 22.81
N ILE A 601 -7.41 2.60 22.70
CA ILE A 601 -8.55 3.12 23.43
C ILE A 601 -9.61 3.58 22.44
N MET A 602 -10.84 3.12 22.64
CA MET A 602 -11.98 3.55 21.82
C MET A 602 -13.18 3.73 22.73
N TYR A 603 -13.46 4.98 23.10
CA TYR A 603 -14.62 5.32 23.92
C TYR A 603 -15.21 6.60 23.37
N ALA A 604 -16.25 6.49 22.55
CA ALA A 604 -17.12 7.65 22.34
C ALA A 604 -18.59 7.34 22.23
N ILE A 605 -18.99 6.13 21.85
CA ILE A 605 -20.37 5.89 21.43
C ILE A 605 -21.31 5.95 22.63
N ASN A 606 -20.97 5.22 23.69
CA ASN A 606 -21.81 5.21 24.89
C ASN A 606 -21.71 6.50 25.67
N ASP A 607 -20.57 7.20 25.57
CA ASP A 607 -20.42 8.49 26.24
C ASP A 607 -21.42 9.51 25.70
N SER A 608 -21.59 9.56 24.39
CA SER A 608 -22.49 10.55 23.79
C SER A 608 -23.95 10.17 23.96
N GLY A 609 -24.22 8.90 24.26
CA GLY A 609 -25.57 8.48 24.52
C GLY A 609 -26.09 8.78 25.91
N GLY A 610 -25.27 9.41 26.74
CA GLY A 610 -25.66 9.68 28.11
C GLY A 610 -25.61 8.48 29.02
N VAL A 611 -24.86 7.44 28.65
CA VAL A 611 -24.78 6.25 29.49
C VAL A 611 -24.04 6.57 30.79
N ALA A 612 -24.65 6.18 31.90
CA ALA A 612 -24.12 6.42 33.23
C ALA A 612 -23.90 7.91 33.48
N GLY A 613 -24.79 8.75 32.94
CA GLY A 613 -24.69 10.18 33.13
C GLY A 613 -23.49 10.83 32.48
N ALA A 614 -22.89 10.19 31.48
CA ALA A 614 -21.69 10.72 30.84
C ALA A 614 -22.05 11.96 30.04
N THR A 615 -21.33 13.05 30.28
CA THR A 615 -21.45 14.27 29.51
C THR A 615 -20.16 14.48 28.72
N LEU A 616 -20.17 15.51 27.86
CA LEU A 616 -18.98 15.80 27.06
C LEU A 616 -17.79 16.15 27.94
N ASP A 617 -18.01 17.00 28.95
CA ASP A 617 -16.92 17.33 29.87
C ASP A 617 -16.44 16.13 30.65
N LEU A 618 -17.36 15.33 31.20
CA LEU A 618 -16.98 14.13 31.91
C LEU A 618 -16.27 13.15 30.99
N TYR A 619 -16.79 12.97 29.79
CA TYR A 619 -16.16 12.09 28.82
C TYR A 619 -14.73 12.52 28.53
N MET A 620 -14.53 13.81 28.25
CA MET A 620 -13.21 14.29 27.90
C MET A 620 -12.26 14.16 29.08
N GLU A 621 -12.72 14.52 30.27
CA GLU A 621 -11.91 14.42 31.48
C GLU A 621 -11.47 12.98 31.72
N TYR A 622 -12.41 12.04 31.63
CA TYR A 622 -12.08 10.67 31.97
C TYR A 622 -11.29 9.97 30.87
N MET A 623 -11.44 10.38 29.61
CA MET A 623 -10.56 9.82 28.59
C MET A 623 -9.15 10.34 28.74
N GLU A 624 -8.99 11.62 29.10
CA GLU A 624 -7.66 12.12 29.41
C GLU A 624 -7.08 11.38 30.62
N LYS A 625 -7.91 11.13 31.63
CA LYS A 625 -7.46 10.37 32.79
C LYS A 625 -7.02 8.97 32.40
N LEU A 626 -7.78 8.31 31.53
CA LEU A 626 -7.39 6.97 31.08
C LEU A 626 -6.07 7.01 30.32
N ILE A 627 -5.90 8.01 29.46
CA ILE A 627 -4.66 8.13 28.71
C ILE A 627 -3.48 8.31 29.65
N ARG A 628 -3.61 9.20 30.63
CA ARG A 628 -2.51 9.41 31.57
C ARG A 628 -2.27 8.17 32.42
N ARG A 629 -3.33 7.49 32.83
CA ARG A 629 -3.19 6.30 33.66
C ARG A 629 -2.44 5.20 32.90
N TYR A 630 -2.77 5.01 31.63
CA TYR A 630 -2.11 3.96 30.87
C TYR A 630 -0.70 4.37 30.47
N ILE A 631 -0.44 5.66 30.30
CA ILE A 631 0.94 6.09 30.06
C ILE A 631 1.79 5.84 31.31
N ASP A 632 1.27 6.18 32.48
CA ASP A 632 1.99 5.91 33.72
C ASP A 632 2.21 4.43 33.93
N TRP A 633 1.28 3.61 33.45
CA TRP A 633 1.40 2.16 33.56
C TRP A 633 2.41 1.59 32.57
N GLY A 634 3.13 2.42 31.83
CA GLY A 634 4.10 1.95 30.87
C GLY A 634 3.51 1.50 29.55
N CYS A 635 2.29 1.90 29.24
CA CYS A 635 1.60 1.45 28.04
C CYS A 635 1.59 2.57 27.00
N ALA A 636 1.93 2.22 25.76
CA ALA A 636 1.76 3.15 24.67
C ALA A 636 0.28 3.33 24.37
N VAL A 637 -0.20 4.56 24.50
CA VAL A 637 -1.62 4.86 24.32
C VAL A 637 -1.86 5.21 22.87
N VAL A 638 -2.73 4.44 22.23
CA VAL A 638 -3.18 4.72 20.87
C VAL A 638 -4.66 5.03 20.92
N VAL A 639 -5.03 6.18 20.39
CA VAL A 639 -6.41 6.64 20.41
C VAL A 639 -7.05 6.32 19.07
N GLN A 640 -8.25 5.75 19.11
CA GLN A 640 -8.99 5.40 17.92
C GLN A 640 -10.19 6.32 17.75
N ARG A 641 -10.33 6.91 16.57
CA ARG A 641 -11.58 7.55 16.22
C ARG A 641 -12.66 6.49 16.22
N PRO A 642 -13.79 6.70 16.92
CA PRO A 642 -14.71 5.60 17.15
C PRO A 642 -15.26 5.05 15.85
N SER A 643 -15.37 3.73 15.79
CA SER A 643 -15.85 3.04 14.61
C SER A 643 -17.28 2.59 14.81
N GLY A 644 -18.02 2.48 13.71
CA GLY A 644 -19.28 1.79 13.75
C GLY A 644 -20.43 2.71 13.41
N GLY A 645 -21.30 2.22 12.55
CA GLY A 645 -22.61 2.82 12.34
C GLY A 645 -22.64 3.77 11.15
N GLY A 646 -23.41 3.35 10.16
CA GLY A 646 -23.87 4.19 9.06
C GLY A 646 -22.88 5.09 8.37
N GLN A 647 -21.59 4.79 8.46
CA GLN A 647 -20.58 5.54 7.73
C GLN A 647 -20.74 7.05 7.94
N GLY A 648 -21.02 7.45 9.17
CA GLY A 648 -21.31 8.83 9.47
C GLY A 648 -22.77 9.22 9.36
N ALA A 649 -23.67 8.26 9.31
CA ALA A 649 -25.09 8.57 9.22
C ALA A 649 -25.61 9.18 10.52
N GLY A 650 -26.54 10.10 10.38
CA GLY A 650 -27.15 10.74 11.53
C GLY A 650 -26.30 11.81 12.18
N ASN A 651 -25.14 12.13 11.62
CA ASN A 651 -24.18 13.06 12.20
C ASN A 651 -23.96 12.70 13.67
N PRO A 652 -23.37 11.54 13.94
CA PRO A 652 -23.29 11.08 15.34
C PRO A 652 -22.47 12.02 16.20
N ALA A 653 -22.93 12.23 17.43
CA ALA A 653 -22.23 13.12 18.34
C ALA A 653 -20.89 12.54 18.77
N TRP A 654 -20.78 11.21 18.83
CA TRP A 654 -19.55 10.61 19.31
C TRP A 654 -18.38 10.87 18.39
N LEU A 655 -18.61 11.09 17.09
CA LEU A 655 -17.52 11.51 16.22
C LEU A 655 -16.94 12.85 16.67
N HIS A 656 -17.79 13.82 16.97
CA HIS A 656 -17.32 15.12 17.43
C HIS A 656 -16.65 15.02 18.80
N TRP A 657 -17.27 14.29 19.73
CA TRP A 657 -16.67 14.11 21.04
C TRP A 657 -15.29 13.50 20.94
N ALA A 658 -15.14 12.45 20.14
CA ALA A 658 -13.85 11.80 20.03
C ALA A 658 -12.88 12.60 19.18
N LYS A 659 -13.36 13.52 18.34
CA LYS A 659 -12.43 14.44 17.68
C LYS A 659 -11.79 15.38 18.70
N ARG A 660 -12.61 15.96 19.57
CA ARG A 660 -12.08 16.76 20.67
C ARG A 660 -11.10 15.93 21.50
N MET A 661 -11.47 14.69 21.80
CA MET A 661 -10.62 13.82 22.58
C MET A 661 -9.36 13.44 21.81
N GLN A 662 -9.42 13.38 20.48
CA GLN A 662 -8.23 13.14 19.67
C GLN A 662 -7.23 14.27 19.84
N MET A 663 -7.71 15.50 19.81
CA MET A 663 -6.78 16.61 20.00
C MET A 663 -6.19 16.60 21.40
N VAL A 664 -7.00 16.33 22.41
CA VAL A 664 -6.48 16.25 23.77
C VAL A 664 -5.51 15.06 23.90
N ALA A 665 -5.71 14.01 23.12
CA ALA A 665 -4.75 12.91 23.11
C ALA A 665 -3.46 13.29 22.41
N ARG A 666 -3.54 14.04 21.32
CA ARG A 666 -2.35 14.57 20.67
C ARG A 666 -1.57 15.47 21.60
N VAL A 667 -2.23 16.04 22.62
CA VAL A 667 -1.49 16.70 23.69
C VAL A 667 -0.44 15.75 24.26
N TYR A 668 -0.80 14.48 24.43
CA TYR A 668 0.07 13.47 25.01
C TYR A 668 0.81 12.66 23.95
N GLY A 669 0.78 13.08 22.70
CA GLY A 669 1.49 12.37 21.65
C GLY A 669 0.87 11.05 21.28
N CYS A 670 -0.41 10.85 21.58
CA CYS A 670 -1.07 9.60 21.26
C CYS A 670 -1.40 9.57 19.77
N PRO A 671 -0.95 8.55 19.04
CA PRO A 671 -1.36 8.44 17.64
C PRO A 671 -2.84 8.15 17.54
N VAL A 672 -3.47 8.77 16.54
CA VAL A 672 -4.90 8.63 16.34
C VAL A 672 -5.14 7.67 15.18
N PHE A 673 -5.81 6.56 15.46
CA PHE A 673 -6.21 5.62 14.43
C PHE A 673 -7.63 5.94 14.00
N ASP A 674 -7.79 6.45 12.79
CA ASP A 674 -9.10 6.85 12.28
C ASP A 674 -9.86 5.58 11.90
N ALA A 675 -10.53 5.00 12.89
CA ALA A 675 -11.32 3.79 12.66
C ALA A 675 -12.64 4.10 11.97
N HIS A 676 -13.16 5.32 12.11
CA HIS A 676 -14.31 5.73 11.32
C HIS A 676 -14.00 5.73 9.84
N GLU A 677 -12.75 6.02 9.49
CA GLU A 677 -12.32 6.03 8.09
C GLU A 677 -12.32 4.62 7.49
N VAL A 678 -12.23 3.59 8.34
CA VAL A 678 -12.08 2.23 7.85
C VAL A 678 -13.31 1.79 7.06
N MET A 679 -14.51 2.11 7.54
CA MET A 679 -15.75 1.63 6.93
C MET A 679 -16.36 2.63 5.96
N LEU A 680 -15.67 3.74 5.68
CA LEU A 680 -16.23 4.76 4.81
C LEU A 680 -16.46 4.24 3.40
N ASN A 681 -15.54 3.44 2.88
CA ASN A 681 -15.60 2.95 1.51
C ASN A 681 -16.07 1.51 1.43
N ARG A 682 -16.76 1.01 2.45
CA ARG A 682 -17.26 -0.35 2.47
C ARG A 682 -18.78 -0.36 2.35
N HIS A 683 -19.32 -1.54 2.06
CA HIS A 683 -20.76 -1.71 2.10
C HIS A 683 -21.22 -1.85 3.55
N TYR A 684 -22.16 -1.00 3.94
CA TYR A 684 -22.64 -1.00 5.31
C TYR A 684 -23.28 -2.33 5.67
N ALA A 685 -24.07 -2.90 4.76
CA ALA A 685 -24.72 -4.18 5.04
C ALA A 685 -23.69 -5.29 5.22
N ALA A 686 -22.54 -5.19 4.55
CA ALA A 686 -21.53 -6.23 4.63
C ALA A 686 -20.76 -6.21 5.94
N VAL A 687 -20.66 -5.06 6.60
CA VAL A 687 -19.81 -4.92 7.76
C VAL A 687 -20.58 -4.73 9.06
N GLN A 688 -21.87 -4.43 9.00
CA GLN A 688 -22.63 -4.13 10.20
C GLN A 688 -23.51 -5.32 10.61
N SER A 689 -23.60 -5.52 11.92
CA SER A 689 -24.57 -6.45 12.50
C SER A 689 -25.84 -5.75 12.93
N ASP A 690 -25.72 -4.60 13.59
CA ASP A 690 -26.86 -3.73 13.84
C ASP A 690 -26.51 -2.32 13.42
N GLY A 691 -27.35 -1.35 13.76
CA GLY A 691 -27.14 0.01 13.31
C GLY A 691 -25.84 0.65 13.77
N THR A 692 -25.21 0.12 14.82
CA THR A 692 -23.98 0.69 15.35
C THR A 692 -22.80 -0.27 15.36
N HIS A 693 -23.02 -1.55 15.64
CA HIS A 693 -21.95 -2.50 15.83
C HIS A 693 -21.72 -3.32 14.57
N TYR A 694 -20.47 -3.73 14.39
CA TYR A 694 -20.05 -4.51 13.24
C TYR A 694 -20.42 -5.97 13.43
N ASN A 695 -20.36 -6.71 12.32
CA ASN A 695 -20.39 -8.16 12.38
C ASN A 695 -18.96 -8.66 12.45
N SER A 696 -18.73 -9.95 12.25
CA SER A 696 -17.37 -10.48 12.33
C SER A 696 -16.46 -9.83 11.30
N MET A 697 -16.96 -9.62 10.08
CA MET A 697 -16.12 -9.06 9.03
C MET A 697 -15.76 -7.61 9.28
N GLY A 698 -16.70 -6.81 9.78
CA GLY A 698 -16.39 -5.42 10.07
C GLY A 698 -15.34 -5.28 11.14
N TYR A 699 -15.48 -6.04 12.24
CA TYR A 699 -14.48 -6.04 13.28
C TYR A 699 -13.14 -6.56 12.77
N ALA A 700 -13.16 -7.59 11.93
CA ALA A 700 -11.92 -8.12 11.37
C ALA A 700 -11.22 -7.07 10.52
N ILE A 701 -11.98 -6.35 9.68
CA ILE A 701 -11.38 -5.31 8.86
C ILE A 701 -10.82 -4.19 9.73
N HIS A 702 -11.53 -3.82 10.79
CA HIS A 702 -11.02 -2.78 11.67
C HIS A 702 -9.72 -3.20 12.35
N GLY A 703 -9.66 -4.46 12.82
CA GLY A 703 -8.43 -4.94 13.44
C GLY A 703 -7.29 -5.03 12.45
N GLU A 704 -7.57 -5.47 11.22
CA GLU A 704 -6.56 -5.51 10.19
C GLU A 704 -6.05 -4.12 9.85
N LYS A 705 -6.95 -3.13 9.83
CA LYS A 705 -6.53 -1.76 9.58
C LYS A 705 -5.67 -1.22 10.72
N LEU A 706 -6.00 -1.57 11.96
CA LEU A 706 -5.15 -1.16 13.08
C LEU A 706 -3.77 -1.77 12.96
N ALA A 707 -3.70 -3.06 12.61
CA ALA A 707 -2.40 -3.71 12.43
C ALA A 707 -1.64 -3.08 11.26
N SER A 708 -2.36 -2.71 10.20
CA SER A 708 -1.73 -2.00 9.09
C SER A 708 -1.17 -0.65 9.53
N MET A 709 -1.90 0.05 10.40
CA MET A 709 -1.38 1.28 10.97
C MET A 709 -0.09 1.03 11.73
N LEU A 710 -0.02 -0.08 12.47
CA LEU A 710 1.20 -0.36 13.22
C LEU A 710 2.36 -0.70 12.28
N MET A 711 2.15 -1.60 11.32
CA MET A 711 3.25 -1.98 10.42
C MET A 711 3.58 -0.87 9.43
N ALA A 712 2.75 0.15 9.35
CA ALA A 712 3.08 1.27 8.49
C ALA A 712 4.08 2.22 9.13
N GLY A 713 4.28 2.11 10.44
CA GLY A 713 4.97 3.12 11.20
C GLY A 713 4.07 4.24 11.68
N GLY A 714 2.75 4.03 11.64
CA GLY A 714 1.80 5.03 12.07
C GLY A 714 1.84 5.38 13.54
N LEU A 715 2.51 4.58 14.35
CA LEU A 715 2.72 4.91 15.75
C LEU A 715 3.70 6.07 15.93
N LEU A 716 4.44 6.43 14.90
CA LEU A 716 5.48 7.43 15.02
C LEU A 716 5.02 8.78 14.47
N ASP A 717 5.49 9.84 15.12
CA ASP A 717 5.17 11.19 14.68
C ASP A 717 5.82 11.54 13.34
N THR A 718 6.91 10.87 12.99
CA THR A 718 7.62 11.11 11.75
C THR A 718 6.97 10.42 10.55
N TYR A 719 5.92 9.63 10.78
CA TYR A 719 5.28 8.92 9.69
C TYR A 719 4.61 9.92 8.74
N LYS A 720 4.78 9.68 7.45
CA LYS A 720 4.18 10.50 6.41
C LYS A 720 3.31 9.62 5.54
N PRO A 721 2.08 10.02 5.22
CA PRO A 721 1.23 9.19 4.37
C PRO A 721 1.75 9.14 2.95
N VAL A 722 1.31 8.10 2.22
CA VAL A 722 1.61 7.99 0.80
C VAL A 722 0.68 8.93 0.05
N VAL A 723 1.23 10.02 -0.46
CA VAL A 723 0.45 11.05 -1.13
C VAL A 723 0.71 11.06 -2.64
N ASN A 724 1.93 10.75 -3.05
CA ASN A 724 2.31 10.64 -4.45
C ASN A 724 2.89 9.24 -4.69
N GLU A 725 3.38 9.02 -5.89
CA GLU A 725 3.99 7.74 -6.23
C GLU A 725 5.14 7.47 -5.28
N THR A 726 5.08 6.34 -4.57
CA THR A 726 6.09 5.96 -3.59
C THR A 726 6.62 4.59 -3.92
N THR A 727 7.90 4.51 -4.24
CA THR A 727 8.57 3.25 -4.55
C THR A 727 9.48 2.87 -3.39
N VAL A 728 9.24 1.70 -2.82
CA VAL A 728 10.05 1.16 -1.75
C VAL A 728 10.42 -0.27 -2.09
N TRP A 729 11.50 -0.75 -1.49
CA TRP A 729 11.89 -2.14 -1.61
C TRP A 729 12.13 -2.73 -0.23
N THR A 730 12.64 -3.94 -0.20
CA THR A 730 12.87 -4.66 1.05
C THR A 730 14.13 -4.15 1.71
N GLY A 731 14.09 -4.05 3.04
CA GLY A 731 15.26 -3.71 3.81
C GLY A 731 15.53 -2.23 3.96
N MET A 732 14.95 -1.39 3.11
CA MET A 732 15.12 0.05 3.22
C MET A 732 14.04 0.61 4.13
N MET A 733 14.40 1.65 4.88
CA MET A 733 13.46 2.28 5.80
C MET A 733 12.86 3.51 5.14
N SER A 734 11.54 3.53 5.04
CA SER A 734 10.80 4.66 4.50
C SER A 734 9.82 5.16 5.54
N ASP A 735 9.69 6.48 5.65
CA ASP A 735 8.69 7.07 6.54
C ASP A 735 7.31 7.04 5.94
N HIS A 736 7.16 6.57 4.70
CA HIS A 736 5.88 6.51 4.01
C HIS A 736 5.30 5.11 3.99
N ILE A 737 6.10 4.10 3.67
CA ILE A 737 5.65 2.72 3.59
C ILE A 737 6.50 1.92 4.57
N GLY A 738 5.85 1.31 5.56
CA GLY A 738 6.53 0.49 6.53
C GLY A 738 6.61 -0.94 6.06
N TRP A 739 7.83 -1.44 5.92
CA TRP A 739 8.06 -2.80 5.45
C TRP A 739 8.38 -3.71 6.62
N CYS A 740 7.70 -4.85 6.67
CA CYS A 740 7.87 -5.82 7.74
C CYS A 740 8.24 -7.15 7.14
N ASP A 741 9.33 -7.74 7.62
CA ASP A 741 9.74 -9.10 7.26
C ASP A 741 9.17 -10.01 8.34
N ALA A 742 8.08 -10.70 8.03
CA ALA A 742 7.33 -11.42 9.05
C ALA A 742 8.11 -12.59 9.63
N ARG A 743 9.02 -13.19 8.88
CA ARG A 743 9.73 -14.37 9.35
C ARG A 743 11.24 -14.22 9.31
N GLY A 744 11.75 -13.04 8.95
CA GLY A 744 13.18 -12.82 8.95
C GLY A 744 13.96 -13.52 7.88
N ASN A 745 13.28 -14.13 6.90
CA ASN A 745 13.95 -14.91 5.87
C ASN A 745 14.02 -14.21 4.52
N ILE A 746 13.66 -12.93 4.46
CA ILE A 746 13.83 -12.16 3.23
C ILE A 746 15.30 -11.85 3.07
N GLY A 747 15.89 -12.30 1.96
CA GLY A 747 17.29 -12.01 1.71
C GLY A 747 17.45 -10.67 1.04
N THR A 748 17.76 -9.64 1.83
CA THR A 748 17.88 -8.28 1.31
C THR A 748 19.34 -8.00 0.97
N GLY A 749 19.87 -8.82 0.07
CA GLY A 749 21.25 -8.68 -0.35
C GLY A 749 21.38 -7.89 -1.64
N ARG A 750 22.58 -7.37 -1.91
CA ARG A 750 22.83 -6.64 -3.14
C ARG A 750 23.29 -7.62 -4.20
N SER A 751 22.52 -7.72 -5.28
CA SER A 751 22.90 -8.53 -6.43
C SER A 751 22.64 -7.76 -7.70
N ASP A 752 23.53 -7.94 -8.68
CA ASP A 752 23.33 -7.34 -9.99
C ASP A 752 22.15 -7.94 -10.73
N GLY A 753 21.63 -9.09 -10.27
CA GLY A 753 20.47 -9.71 -10.85
C GLY A 753 19.15 -9.05 -10.51
N ALA A 754 19.16 -8.10 -9.59
CA ALA A 754 17.96 -7.33 -9.29
C ALA A 754 17.57 -6.47 -10.48
N TYR A 755 16.26 -6.30 -10.67
CA TYR A 755 15.75 -5.52 -11.79
C TYR A 755 15.74 -4.03 -11.52
N THR A 756 16.22 -3.61 -10.36
CA THR A 756 16.27 -2.21 -9.99
C THR A 756 17.71 -1.78 -9.76
N ARG A 757 17.96 -0.48 -9.92
CA ARG A 757 19.29 0.06 -9.76
C ARG A 757 19.77 0.03 -8.31
N ASP A 758 18.86 -0.08 -7.35
CA ASP A 758 19.27 -0.24 -5.96
C ASP A 758 19.89 -1.61 -5.70
N LYS A 759 19.67 -2.57 -6.59
CA LYS A 759 20.27 -3.90 -6.51
C LYS A 759 19.87 -4.66 -5.26
N VAL A 760 18.93 -4.12 -4.50
CA VAL A 760 18.48 -4.77 -3.28
C VAL A 760 17.44 -5.81 -3.68
N THR A 761 17.89 -7.05 -3.83
CA THR A 761 17.01 -8.17 -4.17
C THR A 761 16.14 -8.46 -2.96
N GLY A 762 14.83 -8.51 -3.17
CA GLY A 762 13.93 -8.98 -2.13
C GLY A 762 13.67 -10.45 -2.27
N VAL A 763 14.69 -11.27 -2.03
CA VAL A 763 14.61 -12.69 -2.32
C VAL A 763 13.68 -13.36 -1.32
N LEU A 764 12.54 -13.83 -1.79
CA LEU A 764 11.69 -14.74 -1.01
C LEU A 764 12.17 -16.14 -1.36
N GLN A 765 13.14 -16.64 -0.57
CA GLN A 765 13.93 -17.78 -0.96
C GLN A 765 13.07 -19.04 -1.07
N ALA A 766 13.48 -19.91 -1.98
CA ALA A 766 12.78 -21.17 -2.22
C ALA A 766 12.93 -22.09 -1.01
N GLY A 767 11.85 -22.79 -0.69
CA GLY A 767 11.85 -23.70 0.44
C GLY A 767 11.61 -23.05 1.78
N LYS A 768 11.51 -21.73 1.83
CA LYS A 768 11.27 -21.01 3.07
C LYS A 768 9.94 -20.26 2.98
N ALA A 769 9.10 -20.45 4.00
CA ALA A 769 7.86 -19.69 4.10
C ALA A 769 8.22 -18.24 4.35
N THR A 770 8.10 -17.41 3.33
CA THR A 770 8.50 -16.01 3.42
C THR A 770 7.28 -15.12 3.25
N ILE A 771 7.18 -14.11 4.12
CA ILE A 771 6.09 -13.15 4.06
C ILE A 771 6.70 -11.76 4.01
N CYS A 772 6.40 -11.02 2.96
CA CYS A 772 6.85 -9.64 2.79
C CYS A 772 5.64 -8.72 2.91
N THR A 773 5.72 -7.77 3.82
CA THR A 773 4.60 -6.89 4.14
C THR A 773 5.00 -5.44 3.90
N PHE A 774 4.16 -4.71 3.18
CA PHE A 774 4.32 -3.28 2.98
C PHE A 774 3.04 -2.60 3.47
N SER A 775 3.15 -1.83 4.55
CA SER A 775 2.02 -1.16 5.14
C SER A 775 2.24 0.35 5.10
N PHE A 776 1.15 1.09 4.89
CA PHE A 776 1.24 2.52 4.70
C PHE A 776 -0.16 3.12 4.81
N TYR A 777 -0.21 4.43 5.01
CA TYR A 777 -1.45 5.18 4.93
C TYR A 777 -1.59 5.73 3.52
N LEU A 778 -2.68 5.37 2.85
CA LEU A 778 -2.99 5.87 1.53
C LEU A 778 -3.81 7.14 1.68
N ASP A 779 -3.23 8.27 1.30
CA ASP A 779 -3.91 9.55 1.39
C ASP A 779 -4.67 9.90 0.11
N ALA A 780 -5.13 8.89 -0.61
CA ALA A 780 -5.97 9.10 -1.78
C ALA A 780 -7.17 8.16 -1.73
N GLU A 781 -8.15 8.38 -2.60
CA GLU A 781 -9.28 7.48 -2.68
C GLU A 781 -8.91 6.12 -3.24
N ALA A 782 -7.80 6.03 -3.98
CA ALA A 782 -7.35 4.77 -4.53
C ALA A 782 -5.86 4.86 -4.83
N ALA A 783 -5.25 3.71 -5.07
CA ALA A 783 -3.87 3.63 -5.46
C ALA A 783 -3.65 2.43 -6.36
N HIS A 784 -2.59 2.50 -7.16
CA HIS A 784 -2.16 1.37 -7.97
C HIS A 784 -0.86 0.82 -7.41
N ILE A 785 -0.82 -0.50 -7.23
CA ILE A 785 0.37 -1.17 -6.72
C ILE A 785 1.14 -1.68 -7.92
N TYR A 786 2.33 -1.13 -8.13
CA TYR A 786 3.24 -1.61 -9.15
C TYR A 786 4.44 -2.22 -8.46
N GLY A 787 4.94 -3.32 -9.02
CA GLY A 787 6.07 -3.98 -8.41
C GLY A 787 7.00 -4.63 -9.40
N LYS A 788 8.30 -4.55 -9.13
CA LYS A 788 9.28 -5.30 -9.90
C LYS A 788 9.40 -6.66 -9.24
N LEU A 789 8.35 -7.47 -9.36
CA LEU A 789 8.27 -8.77 -8.74
C LEU A 789 8.58 -9.86 -9.76
N ASP A 790 9.06 -10.98 -9.26
CA ASP A 790 9.36 -12.15 -10.09
C ASP A 790 9.18 -13.40 -9.25
N GLY A 791 8.42 -14.36 -9.76
CA GLY A 791 8.22 -15.62 -9.09
C GLY A 791 6.80 -15.78 -8.61
N LEU A 792 6.57 -16.90 -7.92
CA LEU A 792 5.25 -17.22 -7.39
C LEU A 792 5.09 -16.53 -6.04
N ILE A 793 4.54 -15.32 -6.08
CA ILE A 793 4.29 -14.52 -4.88
C ILE A 793 2.78 -14.42 -4.69
N ASN A 794 2.27 -15.04 -3.63
CA ASN A 794 0.87 -14.90 -3.27
C ASN A 794 0.67 -13.50 -2.71
N THR A 795 -0.20 -12.74 -3.35
CA THR A 795 -0.41 -11.34 -3.00
C THR A 795 -1.81 -11.16 -2.42
N ILE A 796 -1.88 -10.58 -1.22
CA ILE A 796 -3.11 -10.12 -0.63
C ILE A 796 -2.88 -8.67 -0.22
N TYR A 797 -3.74 -7.77 -0.71
CA TYR A 797 -3.66 -6.37 -0.36
C TYR A 797 -5.01 -5.74 -0.02
N THR A 798 -6.11 -6.42 -0.28
CA THR A 798 -7.44 -5.91 0.01
C THR A 798 -7.98 -6.55 1.27
N ASN A 799 -8.60 -5.73 2.11
CA ASN A 799 -9.21 -6.22 3.33
C ASN A 799 -10.40 -7.10 2.99
N GLY A 800 -10.64 -8.11 3.83
CA GLY A 800 -11.64 -9.11 3.52
C GLY A 800 -11.12 -10.33 2.78
N TYR A 801 -9.84 -10.35 2.42
CA TYR A 801 -9.22 -11.49 1.80
C TYR A 801 -8.08 -12.08 2.61
N TRP A 802 -7.60 -11.38 3.63
CA TRP A 802 -6.75 -12.02 4.62
C TRP A 802 -7.57 -12.93 5.52
N TRP A 803 -8.76 -12.47 5.91
CA TRP A 803 -9.64 -13.22 6.80
C TRP A 803 -11.05 -13.14 6.25
N ASN A 804 -11.71 -14.29 6.12
CA ASN A 804 -13.13 -14.38 5.86
C ASN A 804 -13.60 -15.75 6.28
N ASN A 805 -14.30 -15.82 7.41
CA ASN A 805 -14.77 -17.10 7.90
C ASN A 805 -15.86 -17.71 7.02
N GLY A 806 -16.48 -16.91 6.15
CA GLY A 806 -17.50 -17.42 5.26
C GLY A 806 -18.82 -17.72 5.91
N ASN A 807 -19.00 -17.32 7.17
CA ASN A 807 -20.25 -17.61 7.86
C ASN A 807 -21.41 -16.84 7.25
N LYS A 808 -21.15 -15.62 6.79
CA LYS A 808 -22.16 -14.85 6.10
C LYS A 808 -21.76 -14.63 4.65
N PRO A 809 -22.68 -14.88 3.71
CA PRO A 809 -22.32 -14.73 2.29
C PRO A 809 -21.99 -13.31 1.88
N TYR A 810 -22.41 -12.31 2.65
CA TYR A 810 -22.18 -10.92 2.29
C TYR A 810 -20.87 -10.37 2.86
N TYR A 811 -20.08 -11.18 3.55
CA TYR A 811 -18.79 -10.70 4.03
C TYR A 811 -17.85 -10.36 2.89
N GLN A 812 -17.93 -11.10 1.78
CA GLN A 812 -17.07 -10.85 0.63
C GLN A 812 -17.32 -9.51 -0.02
N TYR A 813 -18.44 -8.85 0.27
CA TYR A 813 -18.77 -7.55 -0.28
C TYR A 813 -18.36 -6.42 0.65
N ALA A 814 -17.56 -6.73 1.66
CA ALA A 814 -17.04 -5.74 2.59
C ALA A 814 -15.70 -5.17 2.13
N VAL A 815 -15.33 -5.38 0.88
CA VAL A 815 -14.07 -4.86 0.38
C VAL A 815 -14.20 -3.36 0.15
N ASP A 816 -13.05 -2.68 0.15
CA ASP A 816 -13.03 -1.26 -0.15
C ASP A 816 -13.47 -1.04 -1.59
N ILE A 817 -14.61 -0.38 -1.76
CA ILE A 817 -15.21 -0.17 -3.07
C ILE A 817 -15.49 1.32 -3.22
N ASP A 818 -15.46 1.80 -4.47
CA ASP A 818 -15.82 3.17 -4.74
C ASP A 818 -17.28 3.40 -4.38
N ASN A 819 -17.53 4.40 -3.54
CA ASN A 819 -18.88 4.69 -3.11
C ASN A 819 -19.76 5.15 -4.26
N SER A 820 -19.18 5.77 -5.28
CA SER A 820 -19.94 6.18 -6.46
C SER A 820 -20.45 4.96 -7.19
N PHE A 821 -21.77 4.79 -7.21
CA PHE A 821 -22.36 3.68 -7.95
C PHE A 821 -22.05 3.77 -9.44
N GLY A 822 -22.00 4.98 -9.98
CA GLY A 822 -21.76 5.20 -11.39
C GLY A 822 -20.31 5.21 -11.83
N ALA A 823 -19.37 5.16 -10.90
CA ALA A 823 -17.96 5.12 -11.25
C ALA A 823 -17.36 3.74 -11.16
N SER A 824 -18.06 2.78 -10.55
CA SER A 824 -17.55 1.42 -10.43
C SER A 824 -18.71 0.47 -10.23
N LEU A 825 -18.58 -0.74 -10.75
CA LEU A 825 -19.48 -1.81 -10.41
C LEU A 825 -19.08 -2.40 -9.07
N GLN A 826 -19.74 -3.49 -8.69
CA GLN A 826 -19.32 -4.18 -7.49
C GLN A 826 -17.91 -4.72 -7.68
N ARG A 827 -17.05 -4.48 -6.68
CA ARG A 827 -15.65 -4.81 -6.81
C ARG A 827 -15.45 -6.32 -6.67
N VAL A 828 -15.09 -6.96 -7.76
CA VAL A 828 -14.64 -8.35 -7.75
C VAL A 828 -13.13 -8.31 -7.65
N ASN A 829 -12.61 -8.51 -6.43
CA ASN A 829 -11.18 -8.41 -6.21
C ASN A 829 -10.45 -9.51 -6.96
N LYS A 830 -9.38 -9.13 -7.65
CA LYS A 830 -8.55 -10.05 -8.42
C LYS A 830 -7.10 -9.77 -8.09
N SER A 831 -6.44 -10.72 -7.44
CA SER A 831 -5.04 -10.60 -7.07
C SER A 831 -4.21 -11.63 -7.80
N ALA A 832 -2.98 -11.25 -8.11
CA ALA A 832 -2.05 -12.10 -8.85
C ALA A 832 -1.19 -12.90 -7.89
N ASN A 833 -0.95 -14.17 -8.24
CA ASN A 833 -0.03 -15.01 -7.50
C ASN A 833 1.20 -15.40 -8.30
N ASN A 834 1.16 -15.26 -9.62
CA ASN A 834 2.26 -15.63 -10.48
C ASN A 834 2.80 -14.38 -11.17
N TYR A 835 3.98 -13.95 -10.81
CA TYR A 835 4.52 -12.70 -11.35
C TYR A 835 5.74 -13.04 -12.05
N GLU A 836 5.77 -14.19 -12.67
CA GLU A 836 6.97 -14.73 -13.29
C GLU A 836 6.98 -14.57 -14.79
N GLY A 837 6.23 -13.62 -15.30
CA GLY A 837 6.12 -13.54 -16.73
C GLY A 837 6.62 -12.23 -17.19
N MET A 838 7.37 -12.21 -18.27
CA MET A 838 8.04 -10.99 -18.73
C MET A 838 8.90 -10.71 -17.53
N PRO A 839 9.79 -11.64 -17.18
CA PRO A 839 10.58 -11.51 -15.99
C PRO A 839 11.44 -10.31 -16.06
N GLY A 840 11.57 -9.61 -14.98
CA GLY A 840 12.34 -8.40 -14.95
C GLY A 840 11.56 -7.14 -15.23
N SER A 841 10.36 -7.26 -15.78
CA SER A 841 9.55 -6.10 -16.08
C SER A 841 8.77 -5.66 -14.84
N ARG A 842 8.31 -4.43 -14.88
CA ARG A 842 7.41 -3.93 -13.85
C ARG A 842 6.08 -4.66 -13.95
N LYS A 843 5.56 -5.11 -12.81
CA LYS A 843 4.32 -5.86 -12.76
C LYS A 843 3.23 -5.04 -12.12
N PHE A 844 2.02 -5.16 -12.65
CA PHE A 844 0.87 -4.54 -12.01
C PHE A 844 0.36 -5.47 -10.92
N VAL A 845 0.66 -5.13 -9.67
CA VAL A 845 0.24 -5.95 -8.55
C VAL A 845 -1.26 -5.89 -8.30
N GLY A 846 -1.86 -4.73 -8.40
CA GLY A 846 -3.27 -4.56 -8.15
C GLY A 846 -3.57 -3.13 -7.77
N ARG A 847 -4.75 -2.92 -7.22
CA ARG A 847 -5.19 -1.60 -6.81
C ARG A 847 -5.64 -1.64 -5.36
N LEU A 848 -5.48 -0.51 -4.68
CA LEU A 848 -5.98 -0.30 -3.33
C LEU A 848 -7.03 0.78 -3.38
N ILE A 849 -8.21 0.47 -2.91
CA ILE A 849 -9.30 1.43 -2.89
C ILE A 849 -9.49 1.93 -1.47
N GLY A 850 -9.79 3.21 -1.34
CA GLY A 850 -10.15 3.79 -0.06
C GLY A 850 -8.98 4.44 0.63
N ARG A 851 -9.27 5.56 1.28
CA ARG A 851 -8.29 6.26 2.10
C ARG A 851 -8.16 5.57 3.44
N GLY A 852 -6.93 5.38 3.88
CA GLY A 852 -6.68 4.75 5.14
C GLY A 852 -5.38 3.98 5.11
N TRP A 853 -5.27 3.01 6.00
CA TRP A 853 -4.07 2.22 6.17
C TRP A 853 -4.20 0.96 5.33
N HIS A 854 -3.22 0.70 4.49
CA HIS A 854 -3.25 -0.44 3.58
C HIS A 854 -2.02 -1.30 3.79
N THR A 855 -2.21 -2.60 3.65
CA THR A 855 -1.14 -3.58 3.77
C THR A 855 -1.03 -4.34 2.45
N ILE A 856 0.18 -4.49 1.95
CA ILE A 856 0.45 -5.32 0.79
C ILE A 856 1.24 -6.53 1.28
N THR A 857 0.62 -7.69 1.23
CA THR A 857 1.22 -8.92 1.74
C THR A 857 1.78 -9.71 0.56
N LEU A 858 3.09 -9.82 0.50
CA LEU A 858 3.78 -10.59 -0.54
C LEU A 858 4.38 -11.82 0.12
N PHE A 859 3.67 -12.93 0.07
CA PHE A 859 4.12 -14.15 0.71
C PHE A 859 4.16 -15.31 -0.27
N THR A 860 5.10 -16.21 -0.04
CA THR A 860 5.23 -17.43 -0.83
C THR A 860 4.48 -18.56 -0.11
N ASN A 861 4.67 -19.79 -0.58
CA ASN A 861 4.00 -20.93 0.03
C ASN A 861 4.36 -21.01 1.50
N LEU A 862 3.35 -20.90 2.36
CA LEU A 862 3.57 -20.85 3.80
C LEU A 862 4.04 -22.18 4.38
N GLN A 863 3.98 -23.26 3.61
CA GLN A 863 4.50 -24.55 4.05
C GLN A 863 5.93 -24.78 3.61
N GLY A 864 6.55 -23.79 2.98
CA GLY A 864 7.91 -23.92 2.52
C GLY A 864 8.10 -24.79 1.30
N GLU A 865 7.07 -24.96 0.48
CA GLU A 865 7.14 -25.80 -0.71
C GLU A 865 7.36 -24.99 -1.98
N ALA A 866 7.91 -23.79 -1.86
CA ALA A 866 8.24 -22.96 -3.02
C ALA A 866 9.50 -23.51 -3.67
N LEU A 867 9.41 -23.82 -4.97
CA LEU A 867 10.52 -24.44 -5.67
C LEU A 867 11.55 -23.42 -6.15
N LYS A 868 11.13 -22.22 -6.52
CA LYS A 868 12.02 -21.20 -7.03
C LYS A 868 12.02 -19.99 -6.10
N ASP A 869 13.04 -19.16 -6.25
CA ASP A 869 13.16 -17.95 -5.46
C ASP A 869 12.24 -16.88 -6.04
N ALA A 870 11.44 -16.26 -5.18
CA ALA A 870 10.63 -15.13 -5.57
C ALA A 870 11.33 -13.84 -5.16
N PHE A 871 11.23 -12.82 -6.01
CA PHE A 871 11.96 -11.58 -5.82
C PHE A 871 11.00 -10.41 -5.71
N VAL A 872 11.14 -9.63 -4.66
CA VAL A 872 10.45 -8.36 -4.51
C VAL A 872 11.52 -7.28 -4.60
N ASN A 873 11.78 -6.81 -5.82
CA ASN A 873 12.85 -5.85 -6.03
C ASN A 873 12.42 -4.43 -5.75
N SER A 874 11.12 -4.14 -5.87
CA SER A 874 10.56 -2.84 -5.54
C SER A 874 9.05 -2.95 -5.56
N ILE A 875 8.40 -2.23 -4.65
CA ILE A 875 6.95 -2.10 -4.64
C ILE A 875 6.63 -0.62 -4.77
N THR A 876 5.86 -0.26 -5.79
CA THR A 876 5.48 1.11 -6.04
C THR A 876 4.00 1.29 -5.72
N VAL A 877 3.71 2.19 -4.80
CA VAL A 877 2.33 2.55 -4.48
C VAL A 877 2.08 3.91 -5.09
N GLN A 878 1.24 3.95 -6.11
CA GLN A 878 0.94 5.20 -6.80
C GLN A 878 -0.51 5.58 -6.53
N PRO A 879 -0.76 6.57 -5.67
CA PRO A 879 -2.13 7.06 -5.50
C PRO A 879 -2.73 7.49 -6.82
N ILE A 880 -3.88 6.92 -7.14
CA ILE A 880 -4.54 7.15 -8.42
C ILE A 880 -5.98 7.56 -8.12
N PRO A 881 -6.60 8.39 -8.94
CA PRO A 881 -8.04 8.63 -8.79
C PRO A 881 -8.81 7.33 -8.91
N ILE A 882 -9.86 7.21 -8.09
CA ILE A 882 -10.53 5.94 -7.88
C ILE A 882 -11.17 5.44 -9.16
N GLY A 883 -11.71 6.35 -9.98
CA GLY A 883 -12.30 5.94 -11.24
C GLY A 883 -11.28 5.58 -12.30
N LEU A 884 -10.04 6.06 -12.15
CA LEU A 884 -8.96 5.74 -13.07
C LEU A 884 -8.21 4.48 -12.66
N SER A 885 -8.60 3.85 -11.57
CA SER A 885 -7.95 2.62 -11.13
C SER A 885 -8.66 1.40 -11.70
N THR A 886 -7.90 0.33 -11.90
CA THR A 886 -8.43 -0.95 -12.31
C THR A 886 -7.98 -2.03 -11.34
N GLU A 887 -8.83 -3.04 -11.16
CA GLU A 887 -8.46 -4.13 -10.27
C GLU A 887 -7.27 -4.90 -10.83
N GLN A 888 -7.37 -5.30 -12.09
CA GLN A 888 -6.26 -5.85 -12.85
C GLN A 888 -6.34 -5.28 -14.26
N MET A 889 -5.33 -5.57 -15.08
CA MET A 889 -5.40 -5.17 -16.48
C MET A 889 -6.57 -5.89 -17.12
N TRP A 890 -7.58 -5.13 -17.54
CA TRP A 890 -8.82 -5.65 -18.09
C TRP A 890 -9.54 -6.56 -17.09
N GLY A 891 -9.26 -6.40 -15.80
CA GLY A 891 -9.88 -7.22 -14.79
C GLY A 891 -11.22 -6.73 -14.31
N GLN A 892 -11.64 -5.55 -14.75
CA GLN A 892 -12.96 -5.05 -14.41
C GLN A 892 -13.76 -4.86 -15.69
N ASP A 893 -14.97 -4.29 -15.56
CA ASP A 893 -15.84 -4.10 -16.70
C ASP A 893 -15.23 -3.16 -17.74
N GLU A 894 -14.62 -2.06 -17.30
CA GLU A 894 -14.09 -1.06 -18.21
C GLU A 894 -12.99 -0.29 -17.49
N GLU A 895 -11.92 0.01 -18.23
CA GLU A 895 -10.81 0.78 -17.70
C GLU A 895 -10.84 2.17 -18.30
N ARG A 896 -10.93 3.19 -17.45
CA ARG A 896 -10.87 4.58 -17.89
C ARG A 896 -9.39 4.94 -18.02
N ARG A 897 -8.83 4.69 -19.19
CA ARG A 897 -7.42 4.89 -19.45
C ARG A 897 -7.16 6.24 -20.09
N TYR A 898 -5.89 6.60 -20.11
CA TYR A 898 -5.42 7.84 -20.72
C TYR A 898 -4.57 7.53 -21.94
N ARG A 899 -4.81 8.27 -23.01
CA ARG A 899 -4.02 8.11 -24.23
C ARG A 899 -2.63 8.65 -23.96
N VAL A 900 -1.66 7.75 -23.84
CA VAL A 900 -0.29 8.10 -23.53
C VAL A 900 0.54 8.02 -24.79
N VAL A 901 1.34 9.05 -25.03
CA VAL A 901 2.09 9.22 -26.26
C VAL A 901 3.57 9.02 -25.94
N HIS A 902 4.15 7.95 -26.46
CA HIS A 902 5.58 7.70 -26.31
C HIS A 902 6.28 8.38 -27.49
N THR A 903 6.87 9.54 -27.24
CA THR A 903 7.40 10.38 -28.30
C THR A 903 8.92 10.29 -28.34
N ARG A 904 9.46 10.19 -29.56
CA ARG A 904 10.90 10.24 -29.80
C ARG A 904 11.17 11.12 -31.00
N ARG A 905 12.23 11.92 -30.91
CA ARG A 905 12.63 12.84 -31.97
C ARG A 905 13.97 12.38 -32.52
N MET A 906 14.02 12.09 -33.82
CA MET A 906 15.29 11.85 -34.47
C MET A 906 15.42 12.75 -35.68
N PRO A 907 16.33 13.73 -35.63
CA PRO A 907 17.22 14.07 -34.52
C PRO A 907 16.50 14.90 -33.46
N SER A 908 16.87 14.75 -32.20
CA SER A 908 16.19 15.58 -31.22
C SER A 908 16.74 17.00 -31.26
N PRO A 909 15.88 18.00 -31.05
CA PRO A 909 16.37 19.39 -31.00
C PRO A 909 17.00 19.78 -29.69
N SER A 910 16.95 18.91 -28.67
CA SER A 910 17.47 19.24 -27.36
C SER A 910 18.98 19.23 -27.37
N GLY A 911 19.58 20.27 -26.80
CA GLY A 911 21.01 20.31 -26.61
C GLY A 911 21.81 20.71 -27.83
N GLN A 912 21.16 20.98 -28.96
CA GLN A 912 21.90 21.37 -30.14
C GLN A 912 22.32 22.83 -30.10
N GLY A 913 21.37 23.75 -30.17
CA GLY A 913 21.62 25.16 -29.96
C GLY A 913 22.28 25.79 -31.17
N GLY A 914 21.68 26.83 -31.74
CA GLY A 914 22.35 27.61 -32.77
C GLY A 914 22.60 26.90 -34.07
N THR A 915 22.61 25.56 -34.07
CA THR A 915 22.99 24.78 -35.23
C THR A 915 21.89 23.80 -35.59
N LEU A 916 21.70 23.59 -36.88
CA LEU A 916 20.69 22.65 -37.37
C LEU A 916 21.33 21.29 -37.57
N PRO A 917 20.88 20.25 -36.86
CA PRO A 917 21.45 18.92 -37.09
C PRO A 917 21.08 18.41 -38.46
N VAL A 918 21.92 17.52 -38.98
CA VAL A 918 21.65 16.93 -40.28
C VAL A 918 20.40 16.06 -40.19
N ALA A 919 19.59 16.10 -41.24
CA ALA A 919 18.40 15.29 -41.31
C ALA A 919 18.77 13.81 -41.37
N VAL A 920 18.01 12.98 -40.70
CA VAL A 920 18.28 11.55 -40.63
C VAL A 920 17.14 10.79 -41.30
N ALA A 921 17.46 9.61 -41.79
CA ALA A 921 16.47 8.72 -42.38
C ALA A 921 15.85 7.86 -41.29
N LEU A 922 14.51 7.81 -41.27
CA LEU A 922 13.78 7.04 -40.28
C LEU A 922 13.60 5.63 -40.81
N THR A 923 14.60 4.78 -40.59
CA THR A 923 14.54 3.40 -41.00
C THR A 923 14.31 2.42 -39.86
N GLY A 924 14.69 2.81 -38.64
CA GLY A 924 14.50 1.95 -37.49
C GLY A 924 14.65 2.70 -36.19
N PHE A 925 13.84 2.35 -35.20
CA PHE A 925 13.89 3.00 -33.91
C PHE A 925 13.25 2.08 -32.87
N GLN A 926 13.58 2.32 -31.61
CA GLN A 926 12.99 1.57 -30.50
C GLN A 926 12.15 2.52 -29.68
N MET A 927 11.02 2.03 -29.19
CA MET A 927 10.14 2.78 -28.31
C MET A 927 9.71 1.89 -27.17
N ARG A 928 9.71 2.44 -25.97
CA ARG A 928 9.18 1.70 -24.83
C ARG A 928 7.70 1.45 -25.05
N ALA A 929 7.29 0.19 -24.91
CA ALA A 929 5.93 -0.19 -25.23
C ALA A 929 4.97 0.46 -24.25
N PRO A 930 3.96 1.18 -24.72
CA PRO A 930 2.92 1.69 -23.80
C PRO A 930 2.20 0.54 -23.11
N GLN A 931 1.44 0.89 -22.08
CA GLN A 931 0.80 -0.12 -21.25
C GLN A 931 -0.20 -0.98 -22.02
N SER A 932 -0.95 -0.38 -22.95
CA SER A 932 -1.90 -1.16 -23.74
C SER A 932 -1.22 -2.26 -24.54
N PHE A 933 0.05 -2.10 -24.88
CA PHE A 933 0.79 -3.10 -25.63
C PHE A 933 1.17 -4.32 -24.79
N LEU A 934 1.03 -4.24 -23.48
CA LEU A 934 1.42 -5.33 -22.58
C LEU A 934 0.21 -6.18 -22.25
N GLY A 935 0.44 -7.48 -22.13
CA GLY A 935 -0.62 -8.40 -21.80
C GLY A 935 -0.74 -8.64 -20.31
N THR A 936 -1.81 -9.34 -19.95
CA THR A 936 -2.06 -9.74 -18.57
C THR A 936 -2.24 -11.25 -18.52
N GLY A 937 -1.68 -11.87 -17.49
CA GLY A 937 -1.79 -13.30 -17.33
C GLY A 937 -0.82 -13.82 -16.29
N PRO A 938 -1.14 -14.97 -15.69
CA PRO A 938 -0.24 -15.55 -14.70
C PRO A 938 1.00 -16.14 -15.36
N GLY A 939 2.16 -15.67 -14.92
CA GLY A 939 3.41 -16.18 -15.47
C GLY A 939 3.53 -15.87 -16.93
N THR A 940 3.92 -16.86 -17.73
CA THR A 940 4.14 -16.70 -19.15
C THR A 940 2.85 -16.40 -19.91
N ASN A 941 1.69 -16.57 -19.28
CA ASN A 941 0.43 -16.20 -19.90
C ASN A 941 0.30 -14.70 -20.12
N ALA A 942 1.05 -13.89 -19.37
CA ALA A 942 1.08 -12.45 -19.61
C ALA A 942 1.75 -12.10 -20.93
N VAL A 943 2.68 -12.94 -21.38
CA VAL A 943 3.32 -12.72 -22.68
C VAL A 943 2.30 -13.04 -23.78
N PRO A 944 2.12 -12.16 -24.77
CA PRO A 944 1.14 -12.45 -25.82
C PRO A 944 1.67 -13.40 -26.88
N ALA A 945 2.76 -14.10 -26.57
CA ALA A 945 3.42 -14.96 -27.53
C ALA A 945 2.49 -16.06 -28.05
N PRO A 946 1.82 -16.86 -27.20
CA PRO A 946 0.93 -17.88 -27.76
C PRO A 946 -0.45 -17.34 -28.08
N TYR A 947 -0.91 -16.34 -27.32
CA TYR A 947 -2.20 -15.71 -27.55
C TYR A 947 -1.97 -14.23 -27.81
N PHE A 948 -1.87 -13.89 -29.09
CA PHE A 948 -1.58 -12.52 -29.52
C PHE A 948 -2.73 -11.57 -29.30
N TYR A 949 -3.87 -12.03 -28.79
CA TYR A 949 -4.95 -11.13 -28.40
C TYR A 949 -4.70 -10.48 -27.05
N ASN A 950 -3.71 -10.96 -26.30
CA ASN A 950 -3.41 -10.42 -24.98
C ASN A 950 -2.96 -8.98 -25.00
N THR A 951 -2.52 -8.47 -26.15
CA THR A 951 -2.06 -7.10 -26.28
C THR A 951 -3.07 -6.27 -27.06
N VAL A 952 -3.22 -5.03 -26.66
CA VAL A 952 -4.08 -4.08 -27.35
C VAL A 952 -3.30 -3.43 -28.49
N PRO A 953 -3.79 -3.49 -29.72
CA PRO A 953 -3.09 -2.80 -30.82
C PRO A 953 -3.02 -1.30 -30.56
N GLY A 954 -1.87 -0.71 -30.86
CA GLY A 954 -1.64 0.71 -30.69
C GLY A 954 -1.50 1.42 -32.02
N LYS A 955 -1.11 2.69 -31.92
CA LYS A 955 -0.90 3.53 -33.08
C LYS A 955 0.50 4.10 -33.05
N LEU A 956 1.21 3.99 -34.16
CA LEU A 956 2.50 4.63 -34.35
C LEU A 956 2.31 5.80 -35.31
N LYS A 957 2.42 7.02 -34.78
CA LYS A 957 2.26 8.23 -35.57
C LYS A 957 3.64 8.81 -35.83
N VAL A 958 4.00 8.93 -37.10
CA VAL A 958 5.30 9.43 -37.51
C VAL A 958 5.10 10.81 -38.13
N TYR A 959 5.80 11.79 -37.59
CA TYR A 959 5.76 13.17 -38.06
C TYR A 959 7.14 13.56 -38.56
N ASN A 960 7.18 14.49 -39.51
CA ASN A 960 8.43 15.13 -39.88
C ASN A 960 8.22 16.62 -40.11
N GLU A 961 9.33 17.34 -40.28
CA GLU A 961 9.27 18.78 -40.46
C GLU A 961 8.63 19.20 -41.78
N LYS A 962 8.53 18.28 -42.74
CA LYS A 962 7.94 18.58 -44.04
C LYS A 962 6.43 18.50 -44.06
N GLY A 963 5.82 18.14 -42.93
CA GLY A 963 4.40 17.90 -42.89
C GLY A 963 3.98 16.52 -43.33
N ASP A 964 4.92 15.59 -43.48
CA ASP A 964 4.60 14.22 -43.83
C ASP A 964 4.21 13.47 -42.56
N TYR A 965 3.03 12.88 -42.58
CA TYR A 965 2.48 12.19 -41.42
C TYR A 965 2.05 10.79 -41.83
N ILE A 966 2.41 9.80 -41.01
CA ILE A 966 1.99 8.42 -41.22
C ILE A 966 1.43 7.90 -39.90
N GLU A 967 0.27 7.26 -39.96
CA GLU A 967 -0.33 6.60 -38.81
C GLU A 967 -0.47 5.12 -39.11
N TRP A 968 0.24 4.30 -38.34
CA TRP A 968 0.14 2.85 -38.45
C TRP A 968 -0.71 2.30 -37.31
N LEU A 969 -1.38 1.19 -37.57
CA LEU A 969 -2.00 0.39 -36.52
C LEU A 969 -1.01 -0.71 -36.14
N VAL A 970 -0.37 -0.56 -34.99
CA VAL A 970 0.64 -1.50 -34.55
C VAL A 970 -0.05 -2.61 -33.78
N TYR A 971 -0.26 -3.75 -34.43
CA TYR A 971 -0.85 -4.93 -33.80
C TYR A 971 0.13 -6.08 -33.93
N LYS A 972 -0.03 -7.07 -33.06
CA LYS A 972 0.89 -8.19 -33.03
C LYS A 972 0.67 -9.09 -34.24
N ASP A 973 1.78 -9.52 -34.84
CA ASP A 973 1.76 -10.34 -36.05
C ASP A 973 1.78 -11.81 -35.66
N GLY A 974 0.59 -12.35 -35.43
CA GLY A 974 0.44 -13.77 -35.20
C GLY A 974 0.86 -14.19 -33.80
N SER A 975 0.83 -15.52 -33.59
CA SER A 975 1.13 -16.09 -32.29
C SER A 975 2.49 -16.78 -32.24
N SER A 976 3.44 -16.36 -33.07
CA SER A 976 4.77 -16.96 -33.08
C SER A 976 5.79 -15.86 -32.81
N GLY A 977 6.18 -15.73 -31.56
CA GLY A 977 7.18 -14.77 -31.15
C GLY A 977 6.53 -13.43 -30.86
N LEU A 978 7.34 -12.50 -30.39
CA LEU A 978 6.87 -11.16 -30.01
C LEU A 978 7.08 -10.19 -31.17
N LYS A 979 6.35 -10.41 -32.25
CA LYS A 979 6.49 -9.62 -33.48
C LYS A 979 5.22 -8.82 -33.72
N TRP A 980 5.39 -7.52 -33.94
CA TRP A 980 4.29 -6.61 -34.25
C TRP A 980 4.38 -6.14 -35.69
N LYS A 981 3.22 -5.99 -36.31
CA LYS A 981 3.14 -5.54 -37.69
C LYS A 981 2.19 -4.35 -37.76
N GLY A 982 2.58 -3.34 -38.54
CA GLY A 982 1.86 -2.09 -38.63
C GLY A 982 1.00 -2.05 -39.88
N LYS A 983 -0.26 -1.64 -39.70
CA LYS A 983 -1.18 -1.41 -40.80
C LYS A 983 -1.37 0.09 -40.97
N VAL A 984 -1.19 0.57 -42.20
CA VAL A 984 -1.25 2.00 -42.47
C VAL A 984 -2.70 2.45 -42.35
N LEU A 985 -2.96 3.36 -41.42
CA LEU A 985 -4.31 3.87 -41.19
C LEU A 985 -4.53 5.23 -41.85
N THR A 986 -3.70 6.21 -41.52
CA THR A 986 -3.78 7.54 -42.10
C THR A 986 -2.37 7.99 -42.48
N HIS A 987 -2.25 8.52 -43.70
CA HIS A 987 -0.97 9.05 -44.15
C HIS A 987 -1.22 10.29 -44.99
N SER A 988 -0.21 11.15 -45.05
CA SER A 988 -0.28 12.37 -45.84
C SER A 988 0.27 12.20 -47.25
N PHE A 989 0.82 11.03 -47.56
CA PHE A 989 1.38 10.79 -48.88
C PHE A 989 0.27 10.63 -49.92
N ALA A 990 0.60 10.99 -51.15
CA ALA A 990 -0.35 10.86 -52.25
C ALA A 990 -0.69 9.41 -52.53
N ASP A 991 0.29 8.52 -52.46
CA ASP A 991 0.08 7.11 -52.71
C ASP A 991 0.43 6.29 -51.47
N VAL A 992 -0.43 5.32 -51.16
CA VAL A 992 -0.16 4.43 -50.03
C VAL A 992 1.05 3.53 -50.30
N ALA A 993 1.46 3.39 -51.55
CA ALA A 993 2.65 2.60 -51.88
C ALA A 993 3.94 3.30 -51.45
N SER A 994 3.91 4.60 -51.21
CA SER A 994 5.07 5.33 -50.72
C SER A 994 5.26 5.20 -49.21
N VAL A 995 4.28 4.64 -48.51
CA VAL A 995 4.37 4.48 -47.06
C VAL A 995 5.27 3.28 -46.77
N PRO A 996 6.26 3.41 -45.87
CA PRO A 996 7.13 2.28 -45.56
C PRO A 996 6.36 1.17 -44.85
N THR A 997 6.86 -0.05 -45.04
CA THR A 997 6.33 -1.20 -44.32
C THR A 997 6.83 -1.17 -42.88
N LEU A 998 5.90 -1.21 -41.94
CA LEU A 998 6.24 -1.14 -40.52
C LEU A 998 6.24 -2.53 -39.91
N THR A 999 7.40 -2.96 -39.42
CA THR A 999 7.53 -4.19 -38.67
C THR A 999 8.21 -3.88 -37.34
N ALA A 1000 7.70 -4.50 -36.28
CA ALA A 1000 8.23 -4.27 -34.94
C ALA A 1000 8.33 -5.59 -34.20
N TYR A 1001 9.23 -5.63 -33.23
CA TYR A 1001 9.31 -6.74 -32.30
C TYR A 1001 9.41 -6.21 -30.88
N MET A 1002 8.84 -6.96 -29.96
CA MET A 1002 8.92 -6.63 -28.54
C MET A 1002 10.23 -7.20 -28.00
N GLY A 1003 11.11 -6.30 -27.55
CA GLY A 1003 12.42 -6.72 -27.08
C GLY A 1003 12.86 -5.87 -25.91
N THR A 1004 13.93 -6.31 -25.27
CA THR A 1004 14.51 -5.60 -24.14
C THR A 1004 15.89 -5.08 -24.50
N ALA A 1005 16.31 -4.03 -23.82
CA ALA A 1005 17.62 -3.45 -24.05
C ALA A 1005 18.71 -4.33 -23.45
N LYS A 1006 19.82 -4.44 -24.17
CA LYS A 1006 20.95 -5.22 -23.67
C LYS A 1006 21.70 -4.45 -22.60
N GLN A 1007 22.52 -5.16 -21.84
CA GLN A 1007 23.23 -4.60 -20.70
C GLN A 1007 24.59 -4.09 -21.14
N ASN A 1008 24.85 -2.81 -20.86
CA ASN A 1008 26.19 -2.26 -21.00
C ASN A 1008 26.70 -1.82 -19.63
N VAL A 1009 28.01 -1.86 -19.47
CA VAL A 1009 28.64 -1.53 -18.20
C VAL A 1009 29.09 -0.07 -18.24
N ILE A 1010 28.44 0.76 -17.43
CA ILE A 1010 28.85 2.16 -17.35
C ILE A 1010 30.22 2.28 -16.68
N VAL A 1011 30.33 1.82 -15.45
CA VAL A 1011 31.61 1.75 -14.74
C VAL A 1011 31.79 0.34 -14.21
N ALA A 1012 32.81 -0.35 -14.69
CA ALA A 1012 33.11 -1.68 -14.19
C ALA A 1012 33.87 -1.60 -12.88
N ALA A 1013 33.48 -2.45 -11.94
CA ALA A 1013 34.18 -2.52 -10.67
C ALA A 1013 35.64 -2.91 -10.89
N GLY A 1014 36.55 -2.21 -10.21
CA GLY A 1014 37.96 -2.42 -10.42
C GLY A 1014 38.64 -1.43 -11.35
N SER A 1015 37.99 -0.31 -11.66
CA SER A 1015 38.52 0.59 -12.67
C SER A 1015 39.46 1.65 -12.11
N SER A 1016 39.23 2.11 -10.87
CA SER A 1016 40.04 3.16 -10.27
C SER A 1016 40.72 2.71 -8.97
N GLY A 1017 41.24 1.49 -8.95
CA GLY A 1017 41.63 0.69 -7.82
C GLY A 1017 41.03 -0.67 -8.06
N ALA A 1018 41.04 -1.56 -7.07
CA ALA A 1018 40.09 -2.63 -7.34
C ALA A 1018 38.74 -2.18 -6.82
N ASN A 1019 38.39 -2.53 -5.58
CA ASN A 1019 37.72 -1.73 -4.54
C ASN A 1019 37.07 -0.42 -4.95
N GLN A 1020 37.01 -0.07 -6.23
CA GLN A 1020 36.94 1.39 -6.26
C GLN A 1020 36.14 2.07 -7.35
N PRO A 1021 35.20 1.44 -8.00
CA PRO A 1021 33.86 2.00 -8.15
C PRO A 1021 32.89 1.16 -7.35
N LEU A 1022 32.96 1.07 -6.03
CA LEU A 1022 32.89 -0.24 -5.35
C LEU A 1022 32.13 -1.32 -6.14
N GLU A 1023 30.95 -1.00 -6.68
CA GLU A 1023 30.14 -1.98 -7.39
C GLU A 1023 30.13 -1.73 -8.90
N ASN A 1024 29.29 -2.46 -9.61
CA ASN A 1024 29.14 -2.22 -11.04
C ASN A 1024 27.95 -1.33 -11.29
N ILE A 1025 28.20 -0.19 -11.94
CA ILE A 1025 27.14 0.70 -12.41
C ILE A 1025 26.71 0.17 -13.77
N TYR A 1026 25.48 -0.33 -13.85
CA TYR A 1026 24.97 -0.91 -15.08
C TYR A 1026 23.91 0.00 -15.68
N ASP A 1027 23.82 -0.04 -17.01
CA ASP A 1027 22.71 0.53 -17.74
C ASP A 1027 22.27 -0.47 -18.79
N TYR A 1028 21.01 -0.39 -19.16
CA TYR A 1028 20.50 -1.19 -20.27
C TYR A 1028 20.33 -0.30 -21.50
N ASN A 1029 21.46 0.00 -22.13
CA ASN A 1029 21.54 0.81 -23.33
C ASN A 1029 22.55 0.24 -24.32
N ALA A 1030 22.79 -1.07 -24.25
CA ALA A 1030 23.77 -1.73 -25.10
C ALA A 1030 23.19 -2.18 -26.43
N GLY A 1031 21.95 -1.82 -26.73
CA GLY A 1031 21.30 -2.28 -27.94
C GLY A 1031 20.04 -3.03 -27.63
N LEU A 1032 19.20 -3.24 -28.63
CA LEU A 1032 17.92 -3.88 -28.44
C LEU A 1032 17.96 -5.29 -29.01
N GLN A 1033 17.56 -6.27 -28.22
CA GLN A 1033 17.54 -7.66 -28.62
C GLN A 1033 16.10 -8.18 -28.60
N GLU A 1034 15.71 -8.86 -29.67
CA GLU A 1034 14.35 -9.37 -29.77
C GLU A 1034 14.13 -10.50 -28.78
N GLN A 1035 12.97 -10.50 -28.14
CA GLN A 1035 12.56 -11.55 -27.23
C GLN A 1035 11.47 -12.39 -27.87
N THR A 1036 11.51 -13.70 -27.62
CA THR A 1036 10.51 -14.61 -28.14
C THR A 1036 9.40 -14.90 -27.13
N GLY A 1037 9.48 -14.34 -25.93
CA GLY A 1037 8.52 -14.62 -24.89
C GLY A 1037 8.85 -15.81 -24.02
N ASN A 1038 9.89 -16.57 -24.36
CA ASN A 1038 10.30 -17.73 -23.59
C ASN A 1038 11.28 -17.31 -22.51
N PRO A 1039 10.89 -17.40 -21.23
CA PRO A 1039 11.82 -16.99 -20.16
C PRO A 1039 13.09 -17.82 -20.09
N SER A 1040 13.07 -19.06 -20.60
CA SER A 1040 14.25 -19.91 -20.58
C SER A 1040 15.31 -19.49 -21.58
N THR A 1041 14.94 -18.75 -22.62
CA THR A 1041 15.89 -18.32 -23.63
C THR A 1041 16.00 -16.80 -23.76
N ASP A 1042 14.99 -16.05 -23.32
CA ASP A 1042 15.03 -14.60 -23.43
C ASP A 1042 15.93 -14.00 -22.37
N LEU A 1043 16.34 -12.76 -22.60
CA LEU A 1043 17.01 -11.99 -21.57
C LEU A 1043 15.99 -11.55 -20.52
N SER A 1044 16.51 -11.11 -19.38
CA SER A 1044 15.64 -10.49 -18.37
C SER A 1044 15.05 -9.22 -18.94
N TRP A 1045 13.80 -8.95 -18.59
CA TRP A 1045 13.13 -7.76 -19.11
C TRP A 1045 13.46 -6.54 -18.28
N LYS A 1046 14.48 -6.62 -17.43
CA LYS A 1046 14.84 -5.48 -16.60
C LYS A 1046 15.26 -4.28 -17.42
N GLY A 1047 15.78 -4.49 -18.62
CA GLY A 1047 16.18 -3.40 -19.50
C GLY A 1047 15.03 -2.64 -20.11
N GLY A 1048 13.80 -3.01 -19.82
CA GLY A 1048 12.64 -2.35 -20.37
C GLY A 1048 11.96 -3.20 -21.44
N ILE A 1049 10.70 -2.89 -21.67
CA ILE A 1049 9.92 -3.53 -22.72
C ILE A 1049 9.85 -2.56 -23.89
N TYR A 1050 10.65 -2.81 -24.92
CA TYR A 1050 10.74 -1.93 -26.07
C TYR A 1050 10.04 -2.55 -27.26
N LEU A 1051 9.34 -1.71 -28.02
CA LEU A 1051 8.86 -2.07 -29.35
C LEU A 1051 9.86 -1.50 -30.36
N VAL A 1052 10.67 -2.38 -30.94
CA VAL A 1052 11.72 -1.95 -31.86
C VAL A 1052 11.16 -1.99 -33.27
N PHE A 1053 10.90 -0.81 -33.82
CA PHE A 1053 10.24 -0.68 -35.11
C PHE A 1053 11.27 -0.64 -36.23
N THR A 1054 10.93 -1.28 -37.35
CA THR A 1054 11.73 -1.23 -38.56
C THR A 1054 10.86 -0.66 -39.68
N LEU A 1055 11.37 0.36 -40.36
CA LEU A 1055 10.66 0.99 -41.47
C LEU A 1055 11.34 0.59 -42.77
N ALA A 1056 10.63 -0.17 -43.59
CA ALA A 1056 11.12 -0.62 -44.89
C ALA A 1056 10.52 0.30 -45.96
N TRP A 1057 11.22 1.37 -46.26
CA TRP A 1057 10.76 2.28 -47.29
C TRP A 1057 10.85 1.63 -48.66
N PRO A 1058 9.86 1.87 -49.53
CA PRO A 1058 9.93 1.26 -50.88
C PRO A 1058 11.05 1.81 -51.71
N SER A 1059 11.15 3.14 -51.83
CA SER A 1059 12.29 3.78 -52.46
C SER A 1059 13.35 4.06 -51.41
N THR A 1060 14.32 4.91 -51.73
CA THR A 1060 15.29 5.34 -50.74
C THR A 1060 14.59 6.03 -49.58
N ALA A 1061 15.13 5.84 -48.38
CA ALA A 1061 14.49 6.38 -47.18
C ALA A 1061 14.62 7.89 -47.16
N PRO A 1062 13.51 8.62 -47.13
CA PRO A 1062 13.60 10.08 -47.06
C PRO A 1062 14.28 10.53 -45.78
N THR A 1063 15.07 11.58 -45.91
CA THR A 1063 15.76 12.17 -44.77
C THR A 1063 14.93 13.33 -44.24
N GLY A 1064 14.92 13.49 -42.92
CA GLY A 1064 14.09 14.52 -42.34
C GLY A 1064 14.26 14.56 -40.84
N TYR A 1065 13.50 15.46 -40.22
CA TYR A 1065 13.50 15.64 -38.77
C TYR A 1065 12.25 14.96 -38.23
N TRP A 1066 12.40 13.72 -37.78
CA TRP A 1066 11.27 12.83 -37.53
C TRP A 1066 10.83 12.93 -36.08
N THR A 1067 9.52 13.08 -35.88
CA THR A 1067 8.90 12.92 -34.59
C THR A 1067 8.07 11.65 -34.63
N ILE A 1068 8.39 10.70 -33.75
CA ILE A 1068 7.70 9.42 -33.70
C ILE A 1068 6.88 9.36 -32.42
N GLU A 1069 5.59 9.15 -32.56
CA GLU A 1069 4.67 9.03 -31.43
C GLU A 1069 4.03 7.65 -31.45
N LEU A 1070 4.42 6.81 -30.51
CA LEU A 1070 3.81 5.49 -30.34
C LEU A 1070 2.69 5.63 -29.32
N GLU A 1071 1.45 5.66 -29.80
CA GLU A 1071 0.29 5.92 -28.97
C GLU A 1071 -0.21 4.63 -28.33
N GLY A 1072 -0.58 4.71 -27.07
CA GLY A 1072 -1.23 3.62 -26.38
C GLY A 1072 -2.09 4.16 -25.25
N SER A 1073 -2.83 3.28 -24.60
CA SER A 1073 -3.63 3.66 -23.44
C SER A 1073 -2.95 3.12 -22.19
N ASP A 1074 -2.73 4.00 -21.23
CA ASP A 1074 -2.05 3.65 -19.99
C ASP A 1074 -2.89 4.16 -18.83
N TRP A 1075 -2.63 3.61 -17.65
CA TRP A 1075 -3.30 4.08 -16.47
C TRP A 1075 -2.77 5.46 -16.07
N PHE A 1076 -3.59 6.19 -15.33
CA PHE A 1076 -3.33 7.58 -14.98
C PHE A 1076 -2.07 7.66 -14.14
N GLY A 1077 -1.04 8.31 -14.68
CA GLY A 1077 0.18 8.53 -13.95
C GLY A 1077 1.14 7.36 -13.89
N ASN A 1078 0.93 6.32 -14.68
CA ASN A 1078 1.80 5.17 -14.64
C ASN A 1078 3.19 5.53 -15.17
N SER A 1079 4.20 5.40 -14.31
CA SER A 1079 5.56 5.73 -14.68
C SER A 1079 6.15 4.79 -15.70
N GLU A 1080 6.00 3.48 -15.50
CA GLU A 1080 6.56 2.47 -16.37
C GLU A 1080 5.46 1.48 -16.73
N SER A 1081 5.46 1.04 -17.99
CA SER A 1081 4.45 0.10 -18.44
C SER A 1081 4.55 -1.19 -17.63
N ALA A 1082 3.44 -1.56 -17.00
CA ALA A 1082 3.41 -2.69 -16.07
C ALA A 1082 2.81 -3.90 -16.76
N VAL A 1083 3.41 -5.05 -16.58
CA VAL A 1083 2.82 -6.30 -17.11
C VAL A 1083 1.83 -6.78 -16.06
N GLY A 1084 0.68 -7.23 -16.45
CA GLY A 1084 -0.35 -7.71 -15.55
C GLY A 1084 -0.12 -9.15 -15.27
N CYS A 1085 -0.51 -9.60 -14.12
CA CYS A 1085 -0.11 -10.96 -13.76
C CYS A 1085 -1.34 -11.75 -13.30
N PHE A 1086 -2.53 -11.25 -13.51
CA PHE A 1086 -3.74 -12.00 -13.19
C PHE A 1086 -4.38 -12.27 -14.52
#